data_5CLE
#
_entry.id   5CLE
#
_cell.length_a   38.492
_cell.length_b   93.288
_cell.length_c   48.162
_cell.angle_alpha   90.000
_cell.angle_beta   112.840
_cell.angle_gamma   90.000
#
_symmetry.space_group_name_H-M   'P 1 21 1'
#
loop_
_entity.id
_entity.type
_entity.pdbx_description
1 polymer AlkD
2 polymer "DNA (5'-D(*CP*CP*CP*GP*AP*(3DR)P*AP*GP*TP*CP*CP*G)-3')"
3 polymer "DNA (5'-D(*CP*GP*GP*AP*CP*TP*TP*TP*CP*GP*GP*G)-3')"
4 non-polymer 3-METHYL-3H-PURIN-6-YLAMINE
5 water water
#
loop_
_entity_poly.entity_id
_entity_poly.type
_entity_poly.pdbx_seq_one_letter_code
_entity_poly.pdbx_strand_id
1 'polypeptide(L)'
;GPVPMHPFVKALQEHFTAHQNPEKAEPMARYMKNHFLFLGIQTPERRQLLKDIIQIHTLPDQKDFQIIIRELWDLPEREF
QAAALDIMQKYKKHINETHIPFLEELIVTKSWWDSVDSIVPTFLGDIFLKHPELISAYIPKWIASDNIWLQRAAILFQLK
YKQKMDEELLFWIIGQLHSSKEFFIQKAIGWVLREYAKTNPDVVWEYVQNNELAPLSKREAIKHIKQNYGINNEKIGETL
S
;
A
2 'polydeoxyribonucleotide' (DC)(DC)(DC)(DG)(DA)(3DR)(DA)(DG)(DT)(DC)(DC)(DG) B
3 'polydeoxyribonucleotide' (DC)(DG)(DG)(DA)(DC)(DT)(DT)(DT)(DC)(DG)(DG)(DG) C
#
loop_
_chem_comp.id
_chem_comp.type
_chem_comp.name
_chem_comp.formula
3DR DNA linking 1',2'-DIDEOXYRIBOFURANOSE-5'-PHOSPHATE 'C5 H11 O6 P'
ADK non-polymer 3-METHYL-3H-PURIN-6-YLAMINE 'C6 H7 N5'
DA DNA linking 2'-DEOXYADENOSINE-5'-MONOPHOSPHATE 'C10 H14 N5 O6 P'
DC DNA linking 2'-DEOXYCYTIDINE-5'-MONOPHOSPHATE 'C9 H14 N3 O7 P'
DG DNA linking 2'-DEOXYGUANOSINE-5'-MONOPHOSPHATE 'C10 H14 N5 O7 P'
DT DNA linking THYMIDINE-5'-MONOPHOSPHATE 'C10 H15 N2 O8 P'
#
# COMPACT_ATOMS: atom_id res chain seq x y z
N VAL A 3 -15.04 -22.76 15.70
CA VAL A 3 -13.70 -23.18 15.29
C VAL A 3 -12.65 -22.26 15.89
N PRO A 4 -11.69 -22.85 16.62
CA PRO A 4 -10.67 -22.04 17.27
C PRO A 4 -9.80 -21.29 16.29
N MET A 5 -9.30 -20.13 16.72
CA MET A 5 -8.31 -19.36 16.00
C MET A 5 -7.15 -20.28 15.59
N HIS A 6 -6.60 -20.08 14.40
CA HIS A 6 -5.45 -20.87 13.96
C HIS A 6 -4.31 -20.78 14.99
N PRO A 7 -3.69 -21.92 15.33
CA PRO A 7 -2.68 -21.94 16.41
C PRO A 7 -1.51 -21.00 16.16
N PHE A 8 -1.17 -20.80 14.89
CA PHE A 8 -0.07 -19.89 14.59
C PHE A 8 -0.45 -18.46 14.96
N VAL A 9 -1.69 -18.08 14.65
CA VAL A 9 -2.19 -16.75 14.97
C VAL A 9 -2.34 -16.58 16.48
N LYS A 10 -2.87 -17.60 17.15
CA LYS A 10 -3.00 -17.57 18.61
C LYS A 10 -1.65 -17.38 19.29
N ALA A 11 -0.64 -18.08 18.79
CA ALA A 11 0.72 -17.98 19.32
C ALA A 11 1.33 -16.59 19.11
N LEU A 12 1.09 -16.02 17.93
CA LEU A 12 1.56 -14.70 17.61
C LEU A 12 0.88 -13.67 18.52
N GLN A 13 -0.42 -13.81 18.68
CA GLN A 13 -1.18 -12.91 19.53
C GLN A 13 -0.66 -12.95 20.97
N GLU A 14 -0.38 -14.13 21.48
CA GLU A 14 0.12 -14.28 22.85
C GLU A 14 1.48 -13.62 23.02
N HIS A 15 2.33 -13.82 22.02
CA HIS A 15 3.71 -13.39 22.09
C HIS A 15 3.78 -11.87 21.94
N PHE A 16 3.04 -11.32 20.97
CA PHE A 16 2.96 -9.86 20.85
C PHE A 16 2.41 -9.24 22.13
N THR A 17 1.34 -9.81 22.67
CA THR A 17 0.67 -9.20 23.82
C THR A 17 1.62 -9.17 25.03
N ALA A 18 2.49 -10.17 25.14
CA ALA A 18 3.43 -10.24 26.27
C ALA A 18 4.51 -9.17 26.20
N HIS A 19 4.69 -8.57 25.02
CA HIS A 19 5.70 -7.53 24.85
C HIS A 19 5.09 -6.19 24.50
N GLN A 20 3.83 -6.01 24.86
CA GLN A 20 3.16 -4.74 24.55
C GLN A 20 3.73 -3.59 25.37
N ASN A 21 3.60 -2.38 24.83
CA ASN A 21 4.17 -1.21 25.49
C ASN A 21 3.15 -0.08 25.41
N PRO A 22 2.34 0.08 26.48
CA PRO A 22 1.24 1.04 26.45
C PRO A 22 1.73 2.48 26.31
N GLU A 23 2.93 2.75 26.82
CA GLU A 23 3.50 4.09 26.75
C GLU A 23 3.78 4.48 25.30
N LYS A 24 4.30 3.53 24.55
CA LYS A 24 4.55 3.74 23.12
C LYS A 24 3.28 3.67 22.28
N ALA A 25 2.32 2.87 22.73
CA ALA A 25 1.08 2.68 21.98
C ALA A 25 0.31 3.99 21.80
N GLU A 26 0.37 4.89 22.78
CA GLU A 26 -0.43 6.10 22.71
C GLU A 26 0.03 7.02 21.55
N PRO A 27 1.34 7.36 21.47
CA PRO A 27 1.74 8.18 20.31
C PRO A 27 1.63 7.43 18.98
N MET A 28 1.86 6.12 18.97
CA MET A 28 1.70 5.36 17.72
C MET A 28 0.25 5.44 17.24
N ALA A 29 -0.70 5.31 18.15
CA ALA A 29 -2.11 5.39 17.78
C ALA A 29 -2.48 6.79 17.28
N ARG A 30 -1.93 7.80 17.93
CA ARG A 30 -2.18 9.19 17.55
C ARG A 30 -1.64 9.49 16.15
N TYR A 31 -0.52 8.87 15.80
CA TYR A 31 0.09 9.09 14.49
C TYR A 31 -0.86 8.65 13.37
N MET A 32 -1.63 7.60 13.66
CA MET A 32 -2.64 7.10 12.70
C MET A 32 -4.03 7.67 12.99
N LYS A 33 -4.07 8.85 13.60
CA LYS A 33 -5.30 9.61 13.83
C LYS A 33 -6.31 8.81 14.64
N ASN A 34 -5.79 7.93 15.49
CA ASN A 34 -6.58 7.10 16.39
C ASN A 34 -7.64 6.26 15.69
N HIS A 35 -7.33 5.84 14.46
CA HIS A 35 -8.23 4.94 13.74
C HIS A 35 -8.08 3.50 14.24
N PHE A 36 -6.96 3.23 14.89
CA PHE A 36 -6.65 1.88 15.39
C PHE A 36 -6.12 1.86 16.81
N LEU A 37 -6.42 0.78 17.52
CA LEU A 37 -5.66 0.44 18.71
C LEU A 37 -4.26 -0.06 18.31
N PHE A 38 -3.28 0.23 19.16
CA PHE A 38 -1.92 -0.29 18.99
C PHE A 38 -1.50 -1.03 20.26
N LEU A 39 -0.65 -2.04 20.10
CA LEU A 39 0.01 -2.67 21.26
C LEU A 39 1.24 -1.89 21.72
N GLY A 40 1.83 -1.14 20.81
CA GLY A 40 3.03 -0.36 21.12
C GLY A 40 4.34 -1.03 20.77
N ILE A 41 4.31 -1.87 19.73
CA ILE A 41 5.49 -2.59 19.30
C ILE A 41 5.93 -2.05 17.96
N GLN A 42 7.14 -1.52 17.91
CA GLN A 42 7.64 -0.94 16.67
C GLN A 42 8.26 -2.01 15.76
N THR A 43 8.57 -1.63 14.53
CA THR A 43 8.84 -2.63 13.49
C THR A 43 10.03 -3.56 13.77
N PRO A 44 11.16 -3.03 14.26
CA PRO A 44 12.25 -3.98 14.52
C PRO A 44 11.87 -5.08 15.52
N GLU A 45 11.26 -4.70 16.63
CA GLU A 45 10.86 -5.72 17.60
C GLU A 45 9.75 -6.60 17.03
N ARG A 46 8.79 -5.99 16.34
CA ARG A 46 7.67 -6.74 15.78
C ARG A 46 8.17 -7.84 14.85
N ARG A 47 9.14 -7.52 14.00
CA ARG A 47 9.69 -8.52 13.06
C ARG A 47 10.40 -9.65 13.80
N GLN A 48 11.07 -9.32 14.90
CA GLN A 48 11.79 -10.33 15.65
C GLN A 48 10.82 -11.26 16.36
N LEU A 49 9.73 -10.70 16.91
CA LEU A 49 8.74 -11.52 17.58
C LEU A 49 8.07 -12.46 16.58
N LEU A 50 7.82 -11.98 15.37
CA LEU A 50 7.29 -12.86 14.32
C LEU A 50 8.30 -13.98 14.02
N LYS A 51 9.56 -13.60 13.84
CA LYS A 51 10.62 -14.57 13.59
C LYS A 51 10.66 -15.62 14.69
N ASP A 52 10.50 -15.19 15.95
CA ASP A 52 10.49 -16.11 17.09
C ASP A 52 9.43 -17.21 16.92
N ILE A 53 8.23 -16.79 16.52
CA ILE A 53 7.11 -17.72 16.38
C ILE A 53 7.31 -18.66 15.19
N ILE A 54 7.85 -18.15 14.09
CA ILE A 54 8.17 -19.02 12.95
C ILE A 54 9.21 -20.07 13.34
N GLN A 55 10.21 -19.66 14.12
CA GLN A 55 11.23 -20.60 14.56
C GLN A 55 10.66 -21.74 15.40
N ILE A 56 9.68 -21.44 16.24
CA ILE A 56 9.09 -22.44 17.12
C ILE A 56 8.06 -23.29 16.40
N HIS A 57 7.18 -22.65 15.65
CA HIS A 57 6.01 -23.32 15.11
C HIS A 57 6.13 -23.71 13.64
N THR A 58 7.10 -23.11 12.96
CA THR A 58 7.25 -23.13 11.49
C THR A 58 6.11 -22.37 10.82
N LEU A 59 6.38 -21.89 9.60
CA LEU A 59 5.37 -21.22 8.81
C LEU A 59 4.30 -22.23 8.38
N PRO A 60 3.03 -21.88 8.59
CA PRO A 60 1.91 -22.75 8.22
C PRO A 60 1.91 -23.15 6.75
N ASP A 61 1.36 -24.32 6.45
CA ASP A 61 1.25 -24.78 5.08
C ASP A 61 0.49 -23.74 4.26
N GLN A 62 0.81 -23.62 2.97
CA GLN A 62 0.20 -22.61 2.12
C GLN A 62 -1.33 -22.70 2.09
N LYS A 63 -1.90 -23.87 2.37
CA LYS A 63 -3.35 -24.04 2.34
C LYS A 63 -4.05 -23.13 3.35
N ASP A 64 -3.30 -22.68 4.36
CA ASP A 64 -3.83 -21.82 5.42
C ASP A 64 -3.45 -20.35 5.26
N PHE A 65 -2.74 -20.02 4.18
CA PHE A 65 -2.20 -18.68 3.98
C PHE A 65 -3.27 -17.59 4.10
N GLN A 66 -4.30 -17.67 3.26
CA GLN A 66 -5.36 -16.66 3.28
C GLN A 66 -6.10 -16.63 4.62
N ILE A 67 -6.22 -17.80 5.26
CA ILE A 67 -6.92 -17.93 6.53
C ILE A 67 -6.16 -17.16 7.62
N ILE A 68 -4.85 -17.36 7.66
CA ILE A 68 -3.96 -16.68 8.61
C ILE A 68 -4.07 -15.17 8.47
N ILE A 69 -4.00 -14.70 7.22
CA ILE A 69 -4.05 -13.28 6.93
C ILE A 69 -5.35 -12.67 7.41
N ARG A 70 -6.47 -13.30 7.06
CA ARG A 70 -7.79 -12.82 7.48
C ARG A 70 -7.91 -12.75 9.01
N GLU A 71 -7.40 -13.75 9.70
CA GLU A 71 -7.57 -13.81 11.15
C GLU A 71 -6.76 -12.71 11.81
N LEU A 72 -5.59 -12.40 11.26
CA LEU A 72 -4.79 -11.32 11.79
C LEU A 72 -5.41 -9.97 11.41
N TRP A 73 -5.97 -9.89 10.20
CA TRP A 73 -6.62 -8.66 9.78
C TRP A 73 -7.79 -8.31 10.71
N ASP A 74 -8.43 -9.34 11.25
CA ASP A 74 -9.60 -9.17 12.09
C ASP A 74 -9.27 -8.79 13.55
N LEU A 75 -8.02 -8.93 13.96
CA LEU A 75 -7.65 -8.57 15.32
C LEU A 75 -7.57 -7.04 15.44
N PRO A 76 -7.87 -6.50 16.63
CA PRO A 76 -8.01 -5.06 16.81
C PRO A 76 -6.72 -4.25 16.67
N GLU A 77 -5.59 -4.76 17.19
CA GLU A 77 -4.40 -3.94 17.22
C GLU A 77 -3.66 -3.93 15.89
N ARG A 78 -3.16 -2.75 15.52
CA ARG A 78 -2.63 -2.52 14.19
C ARG A 78 -1.39 -3.37 13.90
N GLU A 79 -0.63 -3.71 14.95
CA GLU A 79 0.54 -4.56 14.75
C GLU A 79 0.19 -5.90 14.10
N PHE A 80 -1.05 -6.36 14.25
CA PHE A 80 -1.41 -7.65 13.67
C PHE A 80 -1.61 -7.53 12.16
N GLN A 81 -2.06 -6.37 11.68
CA GLN A 81 -2.11 -6.16 10.23
C GLN A 81 -0.69 -5.99 9.68
N ALA A 82 0.17 -5.31 10.41
CA ALA A 82 1.56 -5.18 9.98
C ALA A 82 2.22 -6.56 9.89
N ALA A 83 1.96 -7.41 10.88
CA ALA A 83 2.50 -8.77 10.89
C ALA A 83 1.93 -9.57 9.71
N ALA A 84 0.65 -9.38 9.44
CA ALA A 84 -0.01 -10.06 8.33
C ALA A 84 0.71 -9.78 7.00
N LEU A 85 1.06 -8.53 6.79
CA LEU A 85 1.75 -8.13 5.56
C LEU A 85 3.16 -8.72 5.53
N ASP A 86 3.84 -8.77 6.67
CA ASP A 86 5.13 -9.46 6.75
C ASP A 86 4.99 -10.95 6.35
N ILE A 87 3.95 -11.57 6.88
CA ILE A 87 3.65 -12.98 6.58
C ILE A 87 3.31 -13.16 5.10
N MET A 88 2.54 -12.24 4.52
CA MET A 88 2.19 -12.38 3.12
C MET A 88 3.45 -12.36 2.24
N GLN A 89 4.45 -11.58 2.62
CA GLN A 89 5.71 -11.54 1.88
C GLN A 89 6.37 -12.92 1.89
N LYS A 90 6.23 -13.64 3.00
CA LYS A 90 6.81 -14.98 3.10
C LYS A 90 6.13 -16.01 2.19
N TYR A 91 4.90 -15.72 1.74
CA TYR A 91 4.21 -16.58 0.81
C TYR A 91 4.21 -16.00 -0.60
N LYS A 92 5.07 -15.02 -0.84
CA LYS A 92 5.11 -14.28 -2.10
C LYS A 92 5.12 -15.18 -3.34
N LYS A 93 5.91 -16.25 -3.31
CA LYS A 93 6.06 -17.09 -4.49
C LYS A 93 4.79 -17.92 -4.78
N HIS A 94 3.79 -17.78 -3.93
CA HIS A 94 2.53 -18.52 -4.13
C HIS A 94 1.40 -17.61 -4.58
N ILE A 95 1.66 -16.30 -4.61
CA ILE A 95 0.64 -15.30 -4.96
C ILE A 95 0.63 -15.06 -6.46
N ASN A 96 -0.56 -15.03 -7.06
CA ASN A 96 -0.65 -14.89 -8.50
C ASN A 96 -1.89 -14.07 -8.86
N GLU A 97 -2.24 -14.02 -10.14
CA GLU A 97 -3.34 -13.17 -10.59
C GLU A 97 -4.68 -13.55 -9.97
N THR A 98 -4.84 -14.80 -9.53
CA THR A 98 -6.10 -15.22 -8.92
C THR A 98 -6.33 -14.58 -7.56
N HIS A 99 -5.29 -13.98 -6.99
CA HIS A 99 -5.37 -13.35 -5.68
C HIS A 99 -5.77 -11.87 -5.74
N ILE A 100 -6.09 -11.34 -6.92
CA ILE A 100 -6.39 -9.90 -6.97
C ILE A 100 -7.63 -9.58 -6.11
N PRO A 101 -8.73 -10.37 -6.21
CA PRO A 101 -9.86 -10.03 -5.33
C PRO A 101 -9.53 -10.13 -3.83
N PHE A 102 -8.71 -11.09 -3.45
CA PHE A 102 -8.28 -11.25 -2.05
C PHE A 102 -7.52 -9.98 -1.60
N LEU A 103 -6.64 -9.49 -2.47
CA LEU A 103 -5.87 -8.28 -2.18
C LEU A 103 -6.75 -7.03 -2.13
N GLU A 104 -7.72 -6.95 -3.05
CA GLU A 104 -8.76 -5.93 -3.03
C GLU A 104 -9.45 -5.84 -1.67
N GLU A 105 -9.83 -6.99 -1.14
CA GLU A 105 -10.58 -7.02 0.11
C GLU A 105 -9.70 -6.51 1.25
N LEU A 106 -8.40 -6.81 1.18
CA LEU A 106 -7.47 -6.28 2.19
C LEU A 106 -7.34 -4.76 2.10
N ILE A 107 -7.34 -4.23 0.88
CA ILE A 107 -7.22 -2.78 0.69
C ILE A 107 -8.38 -2.03 1.34
N VAL A 108 -9.59 -2.57 1.22
CA VAL A 108 -10.79 -1.84 1.68
C VAL A 108 -11.22 -2.20 3.10
N THR A 109 -10.44 -2.99 3.83
CA THR A 109 -10.81 -3.32 5.20
C THR A 109 -9.65 -2.87 6.11
N LYS A 110 -9.98 -2.27 7.25
CA LYS A 110 -8.98 -1.68 8.16
C LYS A 110 -8.05 -0.75 7.37
N SER A 111 -8.62 0.08 6.50
CA SER A 111 -7.84 0.84 5.51
C SER A 111 -7.16 2.06 6.09
N TRP A 112 -5.90 2.25 5.72
CA TRP A 112 -5.18 3.50 6.00
C TRP A 112 -3.94 3.47 5.12
N TRP A 113 -3.15 4.54 5.14
CA TRP A 113 -2.05 4.64 4.18
C TRP A 113 -0.97 3.60 4.46
N ASP A 114 -0.81 3.22 5.73
CA ASP A 114 0.24 2.27 6.07
C ASP A 114 -0.05 0.90 5.44
N SER A 115 -1.28 0.41 5.56
CA SER A 115 -1.61 -0.90 4.98
C SER A 115 -1.69 -0.83 3.44
N VAL A 116 -2.36 0.20 2.93
CA VAL A 116 -2.58 0.26 1.48
C VAL A 116 -1.26 0.43 0.73
N ASP A 117 -0.35 1.24 1.26
CA ASP A 117 0.94 1.45 0.61
C ASP A 117 1.79 0.18 0.65
N SER A 118 1.53 -0.71 1.61
CA SER A 118 2.31 -1.96 1.69
C SER A 118 1.72 -3.06 0.81
N ILE A 119 0.48 -2.87 0.36
CA ILE A 119 -0.19 -3.86 -0.46
C ILE A 119 0.00 -3.57 -1.94
N VAL A 120 -0.13 -2.29 -2.30
CA VAL A 120 -0.38 -1.94 -3.69
C VAL A 120 0.86 -1.96 -4.62
N PRO A 121 1.92 -1.17 -4.31
CA PRO A 121 3.00 -1.15 -5.30
C PRO A 121 3.80 -2.44 -5.36
N THR A 122 3.73 -3.24 -4.31
CA THR A 122 4.49 -4.48 -4.23
C THR A 122 3.67 -5.66 -4.75
N PHE A 123 2.66 -6.08 -3.99
CA PHE A 123 1.90 -7.28 -4.37
C PHE A 123 1.07 -7.07 -5.63
N LEU A 124 0.27 -6.00 -5.66
CA LEU A 124 -0.57 -5.77 -6.84
C LEU A 124 0.28 -5.35 -8.01
N GLY A 125 1.25 -4.48 -7.75
CA GLY A 125 2.19 -4.06 -8.77
C GLY A 125 2.85 -5.23 -9.48
N ASP A 126 3.29 -6.24 -8.74
CA ASP A 126 3.99 -7.35 -9.37
C ASP A 126 3.03 -8.16 -10.25
N ILE A 127 1.80 -8.31 -9.77
CA ILE A 127 0.79 -9.09 -10.50
C ILE A 127 0.46 -8.42 -11.84
N PHE A 128 0.24 -7.10 -11.84
CA PHE A 128 -0.13 -6.42 -13.08
C PHE A 128 1.07 -6.22 -14.01
N LEU A 129 2.28 -6.33 -13.48
CA LEU A 129 3.46 -6.25 -14.34
C LEU A 129 3.51 -7.52 -15.18
N LYS A 130 3.16 -8.63 -14.56
CA LYS A 130 3.18 -9.93 -15.23
C LYS A 130 1.94 -10.13 -16.10
N HIS A 131 0.82 -9.55 -15.67
CA HIS A 131 -0.46 -9.69 -16.36
C HIS A 131 -1.10 -8.34 -16.69
N PRO A 132 -0.48 -7.57 -17.58
CA PRO A 132 -0.98 -6.22 -17.85
C PRO A 132 -2.36 -6.26 -18.50
N GLU A 133 -2.71 -7.40 -19.11
CA GLU A 133 -4.03 -7.52 -19.74
C GLU A 133 -5.16 -7.50 -18.71
N LEU A 134 -4.82 -7.68 -17.43
CA LEU A 134 -5.85 -7.70 -16.38
C LEU A 134 -6.11 -6.32 -15.78
N ILE A 135 -5.28 -5.35 -16.11
CA ILE A 135 -5.43 -3.99 -15.56
C ILE A 135 -6.83 -3.45 -15.84
N SER A 136 -7.31 -3.62 -17.07
CA SER A 136 -8.60 -3.07 -17.44
C SER A 136 -9.78 -3.85 -16.86
N ALA A 137 -9.51 -4.97 -16.20
CA ALA A 137 -10.57 -5.67 -15.46
C ALA A 137 -10.79 -5.08 -14.07
N TYR A 138 -9.89 -4.20 -13.61
CA TYR A 138 -9.96 -3.69 -12.24
C TYR A 138 -9.85 -2.18 -12.10
N ILE A 139 -8.90 -1.57 -12.82
CA ILE A 139 -8.63 -0.14 -12.62
C ILE A 139 -9.86 0.75 -12.90
N PRO A 140 -10.63 0.48 -13.99
CA PRO A 140 -11.78 1.38 -14.13
C PRO A 140 -12.78 1.30 -12.97
N LYS A 141 -12.99 0.10 -12.41
CA LYS A 141 -13.89 -0.04 -11.26
C LYS A 141 -13.33 0.72 -10.06
N TRP A 142 -12.03 0.60 -9.84
CA TRP A 142 -11.40 1.23 -8.67
C TRP A 142 -11.54 2.74 -8.73
N ILE A 143 -11.29 3.29 -9.90
CA ILE A 143 -11.41 4.74 -10.12
C ILE A 143 -12.84 5.22 -9.88
N ALA A 144 -13.81 4.40 -10.25
CA ALA A 144 -15.21 4.79 -10.21
C ALA A 144 -15.83 4.59 -8.83
N SER A 145 -15.12 3.85 -7.99
CA SER A 145 -15.62 3.51 -6.66
CA SER A 145 -15.60 3.50 -6.65
C SER A 145 -15.65 4.71 -5.72
N ASP A 146 -16.45 4.60 -4.66
CA ASP A 146 -16.50 5.64 -3.64
C ASP A 146 -15.31 5.53 -2.69
N ASN A 147 -14.51 4.48 -2.85
CA ASN A 147 -13.50 4.13 -1.85
C ASN A 147 -12.17 4.76 -2.22
N ILE A 148 -11.70 5.71 -1.40
CA ILE A 148 -10.52 6.47 -1.80
C ILE A 148 -9.29 5.58 -1.82
N TRP A 149 -9.32 4.46 -1.09
CA TRP A 149 -8.15 3.58 -1.05
C TRP A 149 -8.04 2.75 -2.33
N LEU A 150 -9.16 2.46 -2.99
CA LEU A 150 -9.09 1.80 -4.29
C LEU A 150 -8.59 2.80 -5.33
N GLN A 151 -9.01 4.05 -5.17
CA GLN A 151 -8.55 5.09 -6.09
C GLN A 151 -7.04 5.29 -5.94
N ARG A 152 -6.56 5.28 -4.70
CA ARG A 152 -5.13 5.39 -4.45
C ARG A 152 -4.38 4.17 -5.00
N ALA A 153 -4.99 2.99 -4.93
CA ALA A 153 -4.40 1.79 -5.50
C ALA A 153 -4.22 1.93 -7.03
N ALA A 154 -5.22 2.53 -7.69
CA ALA A 154 -5.16 2.70 -9.14
C ALA A 154 -3.98 3.61 -9.50
N ILE A 155 -3.74 4.60 -8.65
CA ILE A 155 -2.65 5.55 -8.87
C ILE A 155 -1.29 4.89 -8.62
N LEU A 156 -1.17 4.17 -7.51
CA LEU A 156 0.14 3.73 -7.04
C LEU A 156 0.60 2.34 -7.48
N PHE A 157 -0.20 1.55 -8.18
CA PHE A 157 0.25 0.17 -8.45
C PHE A 157 1.46 0.17 -9.38
N GLN A 158 1.62 1.24 -10.15
CA GLN A 158 2.76 1.37 -11.07
C GLN A 158 3.96 2.10 -10.46
N LEU A 159 3.89 2.39 -9.17
CA LEU A 159 4.89 3.25 -8.53
C LEU A 159 6.34 2.82 -8.81
N LYS A 160 6.60 1.52 -8.80
CA LYS A 160 7.97 1.03 -8.94
C LYS A 160 8.34 0.54 -10.34
N TYR A 161 7.51 0.85 -11.33
CA TYR A 161 7.68 0.26 -12.66
C TYR A 161 8.88 0.79 -13.44
N LYS A 162 9.30 2.02 -13.11
CA LYS A 162 10.44 2.64 -13.80
C LYS A 162 10.22 2.64 -15.31
N GLN A 163 11.14 2.03 -16.07
CA GLN A 163 11.03 2.03 -17.53
C GLN A 163 9.84 1.23 -18.03
N LYS A 164 9.21 0.43 -17.17
CA LYS A 164 8.06 -0.37 -17.58
C LYS A 164 6.74 0.36 -17.34
N MET A 165 6.83 1.61 -16.90
CA MET A 165 5.67 2.44 -16.68
C MET A 165 4.85 2.53 -17.97
N ASP A 166 3.54 2.35 -17.88
CA ASP A 166 2.66 2.62 -19.02
C ASP A 166 2.25 4.07 -18.91
N GLU A 167 2.93 4.94 -19.66
CA GLU A 167 2.73 6.37 -19.50
C GLU A 167 1.32 6.81 -19.85
N GLU A 168 0.80 6.32 -20.97
CA GLU A 168 -0.55 6.67 -21.38
C GLU A 168 -1.54 6.32 -20.28
N LEU A 169 -1.37 5.13 -19.70
CA LEU A 169 -2.25 4.69 -18.63
C LEU A 169 -2.13 5.57 -17.39
N LEU A 170 -0.89 5.83 -16.97
CA LEU A 170 -0.65 6.66 -15.80
C LEU A 170 -1.35 7.99 -15.93
N PHE A 171 -1.17 8.66 -17.06
CA PHE A 171 -1.71 10.01 -17.20
C PHE A 171 -3.22 9.98 -17.33
N TRP A 172 -3.76 8.91 -17.92
CA TRP A 172 -5.21 8.76 -17.98
C TRP A 172 -5.80 8.61 -16.59
N ILE A 173 -5.18 7.78 -15.76
CA ILE A 173 -5.62 7.60 -14.38
C ILE A 173 -5.57 8.93 -13.62
N ILE A 174 -4.45 9.64 -13.74
CA ILE A 174 -4.31 10.92 -13.05
C ILE A 174 -5.37 11.91 -13.52
N GLY A 175 -5.63 11.93 -14.82
CA GLY A 175 -6.64 12.81 -15.37
C GLY A 175 -8.02 12.54 -14.78
N GLN A 176 -8.31 11.28 -14.50
CA GLN A 176 -9.61 10.92 -13.93
C GLN A 176 -9.73 11.39 -12.48
N LEU A 177 -8.60 11.52 -11.81
CA LEU A 177 -8.62 11.78 -10.37
C LEU A 177 -8.08 13.15 -9.96
N HIS A 178 -7.68 13.96 -10.94
CA HIS A 178 -7.00 15.22 -10.64
C HIS A 178 -7.89 16.26 -9.92
N SER A 179 -9.20 16.12 -10.02
CA SER A 179 -10.10 17.08 -9.38
C SER A 179 -10.47 16.69 -7.96
N SER A 180 -9.98 15.52 -7.52
CA SER A 180 -10.30 15.05 -6.18
C SER A 180 -9.82 16.01 -5.12
N LYS A 181 -10.68 16.27 -4.13
CA LYS A 181 -10.31 17.13 -3.02
C LYS A 181 -9.72 16.30 -1.87
N GLU A 182 -9.65 14.98 -2.05
CA GLU A 182 -9.10 14.11 -1.00
C GLU A 182 -7.58 14.22 -0.91
N PHE A 183 -7.08 14.55 0.27
CA PHE A 183 -5.64 14.63 0.49
C PHE A 183 -4.90 13.38 0.02
N PHE A 184 -5.37 12.19 0.39
CA PHE A 184 -4.61 10.98 0.07
C PHE A 184 -4.56 10.69 -1.45
N ILE A 185 -5.51 11.23 -2.19
CA ILE A 185 -5.48 11.13 -3.65
C ILE A 185 -4.53 12.16 -4.25
N GLN A 186 -4.65 13.41 -3.81
CA GLN A 186 -3.74 14.46 -4.29
C GLN A 186 -2.27 14.11 -4.02
N LYS A 187 -2.01 13.53 -2.85
CA LYS A 187 -0.64 13.18 -2.49
C LYS A 187 -0.13 11.98 -3.27
N ALA A 188 -1.00 11.01 -3.51
CA ALA A 188 -0.63 9.85 -4.29
C ALA A 188 -0.26 10.25 -5.73
N ILE A 189 -1.02 11.18 -6.28
CA ILE A 189 -0.70 11.71 -7.61
C ILE A 189 0.69 12.36 -7.59
N GLY A 190 0.94 13.14 -6.55
CA GLY A 190 2.23 13.81 -6.42
C GLY A 190 3.37 12.82 -6.30
N TRP A 191 3.17 11.80 -5.48
CA TRP A 191 4.15 10.75 -5.28
C TRP A 191 4.48 9.98 -6.56
N VAL A 192 3.47 9.48 -7.27
CA VAL A 192 3.76 8.65 -8.42
C VAL A 192 4.46 9.48 -9.50
N LEU A 193 4.11 10.76 -9.61
CA LEU A 193 4.77 11.62 -10.61
C LEU A 193 6.20 11.92 -10.18
N ARG A 194 6.41 12.20 -8.90
CA ARG A 194 7.75 12.48 -8.41
C ARG A 194 8.64 11.25 -8.64
N GLU A 195 8.10 10.07 -8.39
CA GLU A 195 8.87 8.85 -8.55
C GLU A 195 9.15 8.56 -10.03
N TYR A 196 8.14 8.68 -10.87
CA TYR A 196 8.36 8.45 -12.29
C TYR A 196 9.33 9.48 -12.89
N ALA A 197 9.36 10.69 -12.35
CA ALA A 197 10.28 11.72 -12.83
C ALA A 197 11.75 11.32 -12.63
N LYS A 198 12.01 10.40 -11.71
CA LYS A 198 13.36 9.88 -11.53
C LYS A 198 13.82 9.07 -12.74
N THR A 199 12.85 8.56 -13.50
CA THR A 199 13.10 7.77 -14.70
C THR A 199 12.97 8.61 -15.97
N ASN A 200 11.91 9.41 -16.04
CA ASN A 200 11.62 10.21 -17.24
C ASN A 200 11.19 11.62 -16.84
N PRO A 201 12.16 12.47 -16.46
CA PRO A 201 11.79 13.82 -15.98
C PRO A 201 11.14 14.70 -17.04
N ASP A 202 11.55 14.61 -18.31
CA ASP A 202 10.97 15.43 -19.35
C ASP A 202 9.46 15.22 -19.47
N VAL A 203 8.99 13.98 -19.44
CA VAL A 203 7.56 13.72 -19.63
CA VAL A 203 7.55 13.75 -19.64
C VAL A 203 6.75 14.22 -18.43
N VAL A 204 7.31 14.08 -17.23
CA VAL A 204 6.61 14.54 -16.03
C VAL A 204 6.56 16.06 -16.03
N TRP A 205 7.66 16.72 -16.38
CA TRP A 205 7.67 18.17 -16.42
C TRP A 205 6.64 18.68 -17.44
N GLU A 206 6.61 18.10 -18.63
CA GLU A 206 5.64 18.53 -19.64
C GLU A 206 4.22 18.33 -19.13
N TYR A 207 3.99 17.22 -18.44
CA TYR A 207 2.65 16.93 -18.00
C TYR A 207 2.18 17.97 -16.98
N VAL A 208 3.02 18.25 -15.98
CA VAL A 208 2.57 19.12 -14.91
C VAL A 208 2.49 20.56 -15.39
N GLN A 209 3.21 20.92 -16.46
CA GLN A 209 3.11 22.29 -16.92
C GLN A 209 1.90 22.52 -17.81
N ASN A 210 1.32 21.43 -18.33
CA ASN A 210 0.27 21.57 -19.34
C ASN A 210 -1.06 20.90 -18.98
N ASN A 211 -1.17 20.39 -17.76
CA ASN A 211 -2.40 19.73 -17.31
C ASN A 211 -2.75 20.14 -15.88
N GLU A 212 -4.05 20.28 -15.62
CA GLU A 212 -4.56 20.66 -14.31
C GLU A 212 -4.25 19.64 -13.24
N LEU A 213 -3.72 20.12 -12.12
CA LEU A 213 -3.49 19.31 -10.93
C LEU A 213 -3.78 20.15 -9.70
N ALA A 214 -4.11 19.51 -8.59
CA ALA A 214 -4.14 20.20 -7.31
C ALA A 214 -2.74 20.77 -7.06
N PRO A 215 -2.66 21.98 -6.49
CA PRO A 215 -1.37 22.59 -6.17
C PRO A 215 -0.46 21.64 -5.38
N LEU A 216 -1.05 20.91 -4.43
CA LEU A 216 -0.31 19.92 -3.65
C LEU A 216 0.35 18.88 -4.55
N SER A 217 -0.42 18.35 -5.50
CA SER A 217 0.08 17.33 -6.40
C SER A 217 1.24 17.84 -7.25
N LYS A 218 1.10 19.03 -7.80
CA LYS A 218 2.14 19.59 -8.66
C LYS A 218 3.41 19.84 -7.87
N ARG A 219 3.25 20.44 -6.70
CA ARG A 219 4.39 20.79 -5.87
C ARG A 219 5.14 19.52 -5.46
N GLU A 220 4.41 18.47 -5.09
CA GLU A 220 5.09 17.21 -4.74
C GLU A 220 5.75 16.57 -5.95
N ALA A 221 5.12 16.68 -7.11
CA ALA A 221 5.63 16.08 -8.34
C ALA A 221 7.00 16.63 -8.75
N ILE A 222 7.19 17.94 -8.60
CA ILE A 222 8.41 18.57 -9.10
C ILE A 222 9.38 18.90 -7.98
N LYS A 223 9.16 18.32 -6.79
CA LYS A 223 10.03 18.61 -5.63
C LYS A 223 11.50 18.53 -5.97
N HIS A 224 11.87 17.54 -6.80
CA HIS A 224 13.27 17.39 -7.18
C HIS A 224 13.58 17.96 -8.56
N ILE A 225 12.73 17.68 -9.55
CA ILE A 225 13.10 18.07 -10.92
C ILE A 225 12.98 19.57 -11.16
N LYS A 226 12.36 20.32 -10.24
CA LYS A 226 12.33 21.77 -10.45
C LYS A 226 13.76 22.33 -10.43
N GLN A 227 14.70 21.59 -9.83
CA GLN A 227 16.11 22.01 -9.85
C GLN A 227 16.73 21.86 -11.26
N ASN A 228 16.22 20.92 -12.05
CA ASN A 228 16.77 20.65 -13.38
C ASN A 228 16.27 21.62 -14.44
N TYR A 229 15.09 22.19 -14.20
CA TYR A 229 14.42 23.00 -15.20
C TYR A 229 14.38 24.45 -14.78
N GLY A 230 14.42 24.70 -13.47
CA GLY A 230 14.47 26.06 -12.98
C GLY A 230 13.07 26.60 -12.73
N ILE A 231 13.00 27.71 -12.01
CA ILE A 231 11.74 28.32 -11.61
C ILE A 231 11.66 29.72 -12.23
N ASN A 232 10.85 29.85 -13.27
CA ASN A 232 10.76 31.10 -14.02
C ASN A 232 10.24 32.24 -13.16
N ASN A 233 10.76 33.44 -13.41
CA ASN A 233 10.27 34.64 -12.73
C ASN A 233 8.79 34.86 -13.02
O5' 3DR B 6 5.19 10.11 1.00
P 3DR B 6 6.07 10.95 -0.04
OP1 3DR B 6 5.29 11.44 -1.19
OP2 3DR B 6 6.73 12.07 0.68
C2' 3DR B 6 3.31 8.00 3.72
C5' 3DR B 6 4.57 9.02 0.35
C4' 3DR B 6 3.97 8.11 1.42
O4' 3DR B 6 5.04 7.44 2.15
C1' 3DR B 6 4.63 7.24 3.52
C3' 3DR B 6 3.18 8.90 2.48
O3' 3DR B 6 1.81 8.97 2.11
N9 ADK D . 6.81 9.81 4.98
C4 ADK D . 7.39 9.95 6.17
N3 ADK D . 7.30 9.26 7.39
C2 ADK D . 8.05 9.68 8.42
N1 ADK D . 8.87 10.71 8.30
C6 ADK D . 9.01 11.39 7.15
N6 ADK D . 9.93 12.53 7.05
C5 ADK D . 8.27 11.04 6.06
N7 ADK D . 8.16 11.49 4.82
C8 ADK D . 7.27 10.74 4.19
C3A ADK D . 6.43 8.20 7.50
#